data_2ZE7
#
_entry.id   2ZE7
#
_cell.length_a   97.933
_cell.length_b   97.933
_cell.length_c   65.325
_cell.angle_alpha   90.00
_cell.angle_beta   90.00
_cell.angle_gamma   90.00
#
_symmetry.space_group_name_H-M   'P 42 21 2'
#
loop_
_entity.id
_entity.type
_entity.pdbx_description
1 polymer 'Isopentenyl transferase'
2 non-polymer 'ZINC ION'
3 non-polymer 'DIMETHYLALLYL S-THIOLODIPHOSPHATE'
4 non-polymer 'ADENOSINE MONOPHOSPHATE'
5 water water
#
_entity_poly.entity_id   1
_entity_poly.type   'polypeptide(L)'
_entity_poly.pdbx_seq_one_letter_code
;MLLHLIYGPTCSGKTDMAIQIAQETGWPVVALDRVQCCPQIATGSGRPLESELQSTRRIYLDSRPLTEGILDAESAHRRL
IFEVDWRKSEEGLILEGGSISLLNCMAKSPFWRSGFQWHVKRLRLGDSDAFLTRAKQRVAEMFAIREDRPSLLEELAELW
NYPAARPILEDIDGYRCAIRFARKHDLAISQLPNIDAGRHVELIEAIANEYLEHALSQERDFPQWPEDGAGQPVCPVTLT
RIRGSRSHHHHHH
;
_entity_poly.pdbx_strand_id   A
#
loop_
_chem_comp.id
_chem_comp.type
_chem_comp.name
_chem_comp.formula
AMP non-polymer 'ADENOSINE MONOPHOSPHATE' 'C10 H14 N5 O7 P'
DST non-polymer 'DIMETHYLALLYL S-THIOLODIPHOSPHATE' 'C5 H12 O6 P2 S'
ZN non-polymer 'ZINC ION' 'Zn 2'
#
# COMPACT_ATOMS: atom_id res chain seq x y z
N MET A 1 -3.60 2.12 -26.10
CA MET A 1 -3.79 3.14 -25.05
C MET A 1 -2.44 3.43 -24.35
N LEU A 2 -2.39 4.58 -23.66
CA LEU A 2 -1.21 4.99 -22.88
C LEU A 2 -1.37 4.53 -21.43
N LEU A 3 -0.39 3.77 -20.94
CA LEU A 3 -0.31 3.43 -19.53
C LEU A 3 0.73 4.34 -18.88
N HIS A 4 0.32 5.08 -17.84
CA HIS A 4 1.28 5.87 -17.11
C HIS A 4 1.67 5.03 -15.89
N LEU A 5 2.86 4.46 -15.86
CA LEU A 5 3.20 3.58 -14.76
C LEU A 5 3.98 4.34 -13.69
N ILE A 6 3.53 4.31 -12.44
CA ILE A 6 4.24 4.96 -11.37
C ILE A 6 4.59 3.92 -10.28
N TYR A 7 5.87 3.63 -10.07
CA TYR A 7 6.23 2.71 -8.95
C TYR A 7 7.36 3.26 -8.09
N GLY A 8 7.56 2.66 -6.91
CA GLY A 8 8.65 3.09 -6.01
C GLY A 8 8.32 2.65 -4.58
N PRO A 9 9.24 2.93 -3.64
CA PRO A 9 8.98 2.39 -2.34
C PRO A 9 7.80 3.00 -1.59
N THR A 10 7.48 2.38 -0.47
CA THR A 10 6.52 2.89 0.47
C THR A 10 6.77 4.33 0.79
N CYS A 11 5.72 5.09 1.06
CA CYS A 11 5.87 6.51 1.48
C CYS A 11 6.67 7.42 0.53
N SER A 12 6.55 7.24 -0.77
CA SER A 12 7.22 8.08 -1.75
C SER A 12 6.31 9.09 -2.39
N GLY A 13 5.04 9.20 -1.96
CA GLY A 13 4.10 10.11 -2.63
C GLY A 13 3.53 9.58 -3.96
N LYS A 14 3.57 8.28 -4.21
CA LYS A 14 3.11 7.77 -5.50
C LYS A 14 1.62 8.09 -5.69
N THR A 15 0.82 7.80 -4.66
CA THR A 15 -0.61 8.04 -4.76
C THR A 15 -1.04 9.48 -4.93
N ASP A 16 -0.40 10.46 -4.24
CA ASP A 16 -0.80 11.84 -4.39
C ASP A 16 -0.50 12.22 -5.85
N MET A 17 0.63 11.69 -6.35
CA MET A 17 1.05 11.92 -7.74
C MET A 17 -0.02 11.42 -8.74
N ALA A 18 -0.43 10.17 -8.53
CA ALA A 18 -1.42 9.44 -9.33
C ALA A 18 -2.72 10.19 -9.26
N ILE A 19 -3.10 10.63 -8.07
CA ILE A 19 -4.38 11.38 -7.95
C ILE A 19 -4.27 12.63 -8.78
N GLN A 20 -3.11 13.24 -8.80
CA GLN A 20 -3.01 14.53 -9.51
C GLN A 20 -3.14 14.29 -11.00
N ILE A 21 -2.46 13.24 -11.49
CA ILE A 21 -2.54 12.97 -12.92
C ILE A 21 -3.98 12.60 -13.32
N ALA A 22 -4.68 11.94 -12.41
CA ALA A 22 -6.05 11.47 -12.65
C ALA A 22 -7.04 12.61 -12.68
N GLN A 23 -6.81 13.58 -11.83
CA GLN A 23 -7.65 14.75 -11.76
C GLN A 23 -7.40 15.66 -13.00
N GLU A 24 -6.19 15.71 -13.52
CA GLU A 24 -5.92 16.33 -14.82
C GLU A 24 -6.54 15.65 -16.05
N THR A 25 -6.32 14.33 -16.16
CA THR A 25 -6.69 13.55 -17.36
C THR A 25 -8.10 12.93 -17.25
N GLY A 26 -8.58 12.58 -16.05
CA GLY A 26 -9.86 11.97 -15.98
C GLY A 26 -9.72 10.44 -15.93
N TRP A 27 -8.47 9.92 -15.90
CA TRP A 27 -8.28 8.47 -16.08
C TRP A 27 -8.34 7.87 -14.72
N PRO A 28 -8.72 6.59 -14.64
CA PRO A 28 -8.69 5.91 -13.36
C PRO A 28 -7.29 5.55 -13.02
N VAL A 29 -7.05 5.18 -11.78
CA VAL A 29 -5.75 4.82 -11.38
C VAL A 29 -5.96 3.32 -10.91
N VAL A 30 -5.14 2.38 -11.36
CA VAL A 30 -5.26 1.02 -10.86
C VAL A 30 -4.16 0.87 -9.82
N ALA A 31 -4.52 0.39 -8.64
CA ALA A 31 -3.56 0.17 -7.54
C ALA A 31 -2.69 -1.12 -7.76
N LEU A 32 -1.36 -0.96 -7.88
CA LEU A 32 -0.55 -2.11 -8.12
C LEU A 32 -0.14 -2.61 -6.74
N ASP A 33 -1.09 -3.12 -6.00
CA ASP A 33 -0.82 -3.41 -4.61
C ASP A 33 -1.75 -4.53 -4.24
N ARG A 34 -1.18 -5.59 -3.75
CA ARG A 34 -1.97 -6.69 -3.34
C ARG A 34 -2.55 -6.51 -1.98
N VAL A 35 -1.74 -6.02 -1.03
CA VAL A 35 -2.23 -5.83 0.35
C VAL A 35 -3.40 -4.89 0.45
N GLN A 36 -3.41 -3.85 -0.37
CA GLN A 36 -4.52 -2.88 -0.40
C GLN A 36 -5.82 -3.50 -0.91
N CYS A 37 -5.82 -4.77 -1.32
CA CYS A 37 -7.08 -5.37 -1.76
C CYS A 37 -7.80 -5.92 -0.61
N CYS A 38 -7.32 -5.80 0.63
CA CYS A 38 -8.06 -6.15 1.83
C CYS A 38 -8.49 -4.83 2.48
N PRO A 39 -9.75 -4.38 2.26
CA PRO A 39 -10.21 -3.06 2.79
C PRO A 39 -10.34 -3.03 4.33
N GLN A 40 -10.38 -4.19 4.92
CA GLN A 40 -10.34 -4.29 6.39
C GLN A 40 -9.05 -3.79 6.96
N ILE A 41 -8.01 -3.73 6.11
CA ILE A 41 -6.74 -3.11 6.53
C ILE A 41 -6.49 -1.89 5.67
N ALA A 42 -7.56 -1.27 5.24
CA ALA A 42 -7.48 -0.05 4.40
C ALA A 42 -6.47 0.94 4.92
N THR A 43 -6.45 1.23 6.21
CA THR A 43 -5.60 2.37 6.62
C THR A 43 -4.14 1.91 6.68
N GLY A 44 -3.90 0.79 7.34
CA GLY A 44 -2.53 0.37 7.57
C GLY A 44 -1.88 0.04 6.25
N SER A 45 -2.68 -0.47 5.32
CA SER A 45 -2.07 -0.84 4.04
C SER A 45 -1.84 0.43 3.14
N GLY A 46 -2.18 1.62 3.61
CA GLY A 46 -1.96 2.85 2.78
C GLY A 46 -2.96 3.26 1.76
N ARG A 47 -4.19 2.75 1.87
CA ARG A 47 -5.24 3.15 0.87
C ARG A 47 -5.40 4.63 1.11
N PRO A 48 -5.59 5.48 0.03
CA PRO A 48 -5.83 6.86 0.40
C PRO A 48 -7.20 7.05 1.03
N LEU A 49 -7.46 8.21 1.67
CA LEU A 49 -8.81 8.52 2.19
C LEU A 49 -9.75 8.87 1.06
N GLU A 50 -11.06 8.65 1.22
CA GLU A 50 -12.03 9.11 0.22
C GLU A 50 -11.85 10.56 -0.01
N SER A 51 -11.71 11.31 1.09
CA SER A 51 -11.45 12.76 1.04
C SER A 51 -10.27 13.07 0.14
N GLU A 52 -9.22 12.24 0.13
CA GLU A 52 -8.08 12.59 -0.66
C GLU A 52 -8.06 12.19 -2.10
N LEU A 53 -8.99 11.30 -2.56
CA LEU A 53 -9.17 10.97 -3.99
C LEU A 53 -9.68 12.12 -4.79
N GLN A 54 -10.41 13.00 -4.12
CA GLN A 54 -10.98 14.18 -4.77
C GLN A 54 -11.76 13.81 -6.02
N SER A 55 -12.63 12.80 -5.83
CA SER A 55 -13.60 12.36 -6.82
C SER A 55 -12.98 11.62 -8.01
N THR A 56 -11.73 11.16 -7.89
CA THR A 56 -11.02 10.55 -8.98
C THR A 56 -11.24 9.11 -8.61
N ARG A 57 -11.10 8.19 -9.59
CA ARG A 57 -11.31 6.77 -9.37
C ARG A 57 -10.04 5.98 -9.05
N ARG A 58 -10.06 5.08 -8.07
CA ARG A 58 -8.94 4.26 -7.83
C ARG A 58 -9.44 2.79 -7.75
N ILE A 59 -8.83 1.89 -8.52
CA ILE A 59 -9.39 0.61 -8.79
C ILE A 59 -8.50 -0.35 -8.08
N TYR A 60 -9.05 -1.32 -7.30
CA TYR A 60 -8.22 -2.34 -6.67
C TYR A 60 -8.37 -3.68 -7.43
N LEU A 61 -7.39 -4.54 -7.32
CA LEU A 61 -7.43 -5.74 -8.19
C LEU A 61 -8.42 -6.79 -7.66
N ASP A 62 -8.77 -6.68 -6.38
CA ASP A 62 -9.85 -7.58 -5.77
C ASP A 62 -10.33 -6.83 -4.55
N SER A 63 -11.39 -7.33 -3.95
CA SER A 63 -11.81 -6.81 -2.65
C SER A 63 -11.99 -8.01 -1.79
N ARG A 64 -11.15 -8.30 -0.79
CA ARG A 64 -11.26 -9.62 -0.13
C ARG A 64 -11.07 -9.63 1.36
N PRO A 65 -11.77 -10.56 2.10
CA PRO A 65 -11.52 -10.61 3.53
C PRO A 65 -10.02 -10.91 3.80
N LEU A 66 -9.48 -10.33 4.88
CA LEU A 66 -8.10 -10.54 5.24
C LEU A 66 -7.88 -12.02 5.50
N THR A 67 -8.86 -12.71 6.11
CA THR A 67 -8.65 -14.15 6.50
C THR A 67 -8.59 -15.08 5.27
N GLU A 68 -8.80 -14.54 4.09
CA GLU A 68 -8.70 -15.29 2.83
C GLU A 68 -7.23 -15.29 2.34
N GLY A 69 -6.36 -14.57 3.02
CA GLY A 69 -4.96 -14.45 2.63
C GLY A 69 -4.85 -13.26 1.69
N ILE A 70 -3.72 -12.58 1.71
CA ILE A 70 -3.41 -11.51 0.76
C ILE A 70 -3.45 -12.15 -0.64
N LEU A 71 -3.95 -11.42 -1.61
CA LEU A 71 -4.13 -11.90 -2.95
C LEU A 71 -2.79 -12.29 -3.41
N ASP A 72 -2.58 -13.54 -3.88
CA ASP A 72 -1.22 -13.90 -4.39
C ASP A 72 -0.90 -13.10 -5.65
N ALA A 73 0.39 -12.99 -5.97
CA ALA A 73 0.91 -12.22 -7.06
C ALA A 73 0.47 -12.65 -8.44
N GLU A 74 0.37 -13.93 -8.76
CA GLU A 74 -0.05 -14.23 -10.13
C GLU A 74 -1.50 -14.05 -10.33
N SER A 75 -2.33 -14.26 -9.29
CA SER A 75 -3.78 -13.88 -9.40
C SER A 75 -3.95 -12.41 -9.62
N ALA A 76 -3.25 -11.60 -8.81
CA ALA A 76 -3.20 -10.13 -9.00
C ALA A 76 -2.81 -9.80 -10.42
N HIS A 77 -1.90 -10.58 -10.99
CA HIS A 77 -1.41 -10.15 -12.28
C HIS A 77 -2.45 -10.37 -13.37
N ARG A 78 -3.07 -11.54 -13.37
CA ARG A 78 -4.19 -11.88 -14.19
C ARG A 78 -5.37 -10.87 -13.98
N ARG A 79 -5.63 -10.46 -12.72
CA ARG A 79 -6.67 -9.43 -12.51
C ARG A 79 -6.26 -8.14 -13.18
N LEU A 80 -4.96 -7.78 -13.09
CA LEU A 80 -4.49 -6.52 -13.66
C LEU A 80 -4.65 -6.51 -15.20
N ILE A 81 -4.21 -7.57 -15.83
CA ILE A 81 -4.34 -7.66 -17.29
C ILE A 81 -5.82 -7.45 -17.64
N PHE A 82 -6.72 -8.04 -16.85
CA PHE A 82 -8.16 -7.94 -17.18
C PHE A 82 -8.63 -6.49 -17.01
N GLU A 83 -8.27 -5.85 -15.87
CA GLU A 83 -8.74 -4.44 -15.69
C GLU A 83 -8.28 -3.51 -16.78
N VAL A 84 -7.08 -3.74 -17.30
CA VAL A 84 -6.52 -2.90 -18.37
C VAL A 84 -7.21 -3.36 -19.66
N ASP A 85 -7.33 -4.68 -19.86
CA ASP A 85 -7.82 -5.18 -21.15
C ASP A 85 -9.22 -4.72 -21.48
N TRP A 86 -10.15 -4.76 -20.51
CA TRP A 86 -11.54 -4.36 -20.80
C TRP A 86 -11.71 -2.85 -21.03
N ARG A 87 -10.73 -2.07 -20.68
CA ARG A 87 -10.80 -0.64 -20.83
C ARG A 87 -10.02 -0.30 -22.10
N LYS A 88 -9.69 -1.31 -22.93
CA LYS A 88 -8.80 -1.25 -24.18
C LYS A 88 -9.03 -0.01 -25.05
N SER A 89 -10.25 0.52 -25.00
CA SER A 89 -10.67 1.59 -25.94
C SER A 89 -10.47 3.01 -25.37
N GLU A 90 -10.42 3.15 -24.05
CA GLU A 90 -10.19 4.44 -23.39
C GLU A 90 -8.82 5.04 -23.73
N GLU A 91 -8.60 6.33 -23.46
CA GLU A 91 -7.32 6.91 -23.87
C GLU A 91 -6.08 6.39 -23.08
N GLY A 92 -6.17 6.33 -21.75
CA GLY A 92 -5.04 5.89 -20.95
C GLY A 92 -5.51 5.58 -19.55
N LEU A 93 -4.60 5.01 -18.77
CA LEU A 93 -4.89 4.62 -17.41
C LEU A 93 -3.63 4.79 -16.63
N ILE A 94 -3.77 4.88 -15.34
CA ILE A 94 -2.60 5.10 -14.52
C ILE A 94 -2.44 3.88 -13.68
N LEU A 95 -1.26 3.28 -13.68
CA LEU A 95 -0.99 2.14 -12.86
C LEU A 95 -0.04 2.59 -11.77
N GLU A 96 -0.40 2.48 -10.50
CA GLU A 96 0.50 3.02 -9.51
C GLU A 96 0.64 2.07 -8.29
N GLY A 97 1.85 1.73 -7.82
CA GLY A 97 1.93 0.98 -6.59
C GLY A 97 3.31 0.52 -6.32
N GLY A 98 3.50 -0.15 -5.18
CA GLY A 98 4.80 -0.53 -4.69
C GLY A 98 4.98 -2.03 -4.42
N SER A 99 4.07 -2.83 -4.99
CA SER A 99 4.11 -4.32 -4.85
C SER A 99 5.31 -4.90 -5.61
N ILE A 100 6.22 -5.50 -4.85
CA ILE A 100 7.43 -6.07 -5.38
C ILE A 100 7.11 -7.25 -6.29
N SER A 101 6.37 -8.23 -5.77
CA SER A 101 6.04 -9.39 -6.55
C SER A 101 5.08 -9.05 -7.72
N LEU A 102 4.10 -8.17 -7.57
CA LEU A 102 3.35 -7.70 -8.76
C LEU A 102 4.19 -7.00 -9.86
N LEU A 103 5.01 -6.04 -9.52
CA LEU A 103 5.88 -5.39 -10.52
C LEU A 103 6.78 -6.37 -11.27
N ASN A 104 7.18 -7.42 -10.59
CA ASN A 104 8.09 -8.37 -11.22
C ASN A 104 7.34 -9.29 -12.18
N CYS A 105 6.04 -9.57 -11.86
CA CYS A 105 5.16 -10.32 -12.77
C CYS A 105 4.99 -9.56 -14.02
N MET A 106 4.69 -8.27 -13.85
CA MET A 106 4.61 -7.34 -14.96
C MET A 106 5.85 -7.35 -15.84
N ALA A 107 7.04 -7.18 -15.24
CA ALA A 107 8.26 -7.18 -15.98
C ALA A 107 8.51 -8.49 -16.70
N LYS A 108 7.97 -9.58 -16.17
CA LYS A 108 8.18 -10.88 -16.84
C LYS A 108 7.04 -11.29 -17.86
N SER A 109 5.93 -10.56 -17.85
CA SER A 109 4.70 -10.87 -18.64
C SER A 109 4.78 -10.36 -20.09
N PRO A 110 4.42 -11.23 -21.07
CA PRO A 110 4.35 -10.80 -22.49
C PRO A 110 3.29 -9.73 -22.78
N PHE A 111 2.29 -9.59 -21.88
CA PHE A 111 1.17 -8.67 -22.10
C PHE A 111 1.56 -7.20 -22.32
N TRP A 112 2.54 -6.76 -21.54
CA TRP A 112 2.92 -5.38 -21.38
C TRP A 112 3.83 -4.96 -22.49
N ARG A 113 4.53 -5.92 -23.10
CA ARG A 113 5.64 -5.54 -23.96
C ARG A 113 5.25 -5.01 -25.33
N SER A 114 3.95 -4.99 -25.64
CA SER A 114 3.52 -4.45 -26.93
C SER A 114 2.07 -3.98 -26.92
N GLY A 115 1.76 -3.05 -27.83
CA GLY A 115 0.41 -2.55 -28.01
C GLY A 115 -0.04 -1.48 -27.04
N PHE A 116 0.92 -0.86 -26.33
CA PHE A 116 0.66 0.29 -25.42
C PHE A 116 1.75 1.33 -25.57
N GLN A 117 1.42 2.63 -25.45
CA GLN A 117 2.45 3.66 -25.19
C GLN A 117 2.65 3.61 -23.65
N TRP A 118 3.76 4.11 -23.15
CA TRP A 118 4.05 4.09 -21.71
C TRP A 118 4.62 5.43 -21.32
N HIS A 119 4.27 5.94 -20.15
CA HIS A 119 5.06 6.96 -19.45
C HIS A 119 5.37 6.29 -18.16
N VAL A 120 6.65 6.18 -17.82
CA VAL A 120 7.02 5.41 -16.66
C VAL A 120 7.74 6.23 -15.61
N LYS A 121 7.25 6.34 -14.37
CA LYS A 121 7.98 7.14 -13.36
C LYS A 121 8.40 6.24 -12.17
N ARG A 122 9.68 6.24 -11.82
CA ARG A 122 10.29 5.44 -10.73
C ARG A 122 10.71 6.38 -9.61
N LEU A 123 10.03 6.37 -8.50
CA LEU A 123 10.48 7.18 -7.37
C LEU A 123 11.47 6.36 -6.54
N ARG A 124 12.41 7.08 -5.94
CA ARG A 124 13.46 6.50 -5.04
C ARG A 124 13.35 7.01 -3.63
N LEU A 125 13.93 6.23 -2.73
CA LEU A 125 14.32 6.86 -1.51
C LEU A 125 15.78 7.42 -1.71
N GLY A 126 15.97 8.59 -1.12
CA GLY A 126 17.25 9.22 -1.06
C GLY A 126 17.56 9.14 0.40
N ASP A 127 17.79 10.33 1.00
CA ASP A 127 18.13 10.38 2.40
C ASP A 127 17.25 9.40 3.25
N SER A 128 17.91 8.39 3.81
CA SER A 128 17.36 7.59 4.91
C SER A 128 16.68 8.43 5.98
N ASP A 129 17.26 9.58 6.27
CA ASP A 129 16.79 10.46 7.35
C ASP A 129 15.53 11.25 7.02
N ALA A 130 15.43 11.69 5.73
CA ALA A 130 14.22 12.33 5.21
C ALA A 130 13.20 11.20 5.03
N PHE A 131 13.61 10.08 4.44
CA PHE A 131 12.68 8.97 4.46
C PHE A 131 12.02 8.82 5.82
N LEU A 132 12.77 8.73 6.90
CA LEU A 132 12.12 8.40 8.17
C LEU A 132 11.19 9.50 8.65
N THR A 133 11.49 10.74 8.32
CA THR A 133 10.61 11.86 8.63
C THR A 133 9.27 11.74 7.89
N ARG A 134 9.36 11.59 6.60
CA ARG A 134 8.22 11.30 5.80
C ARG A 134 7.43 10.13 6.45
N ALA A 135 8.10 9.01 6.71
CA ALA A 135 7.48 7.83 7.31
C ALA A 135 6.76 8.02 8.64
N LYS A 136 7.39 8.65 9.61
CA LYS A 136 6.75 9.02 10.87
C LYS A 136 5.47 9.91 10.72
N GLN A 137 5.45 10.86 9.77
CA GLN A 137 4.22 11.57 9.48
C GLN A 137 3.08 10.68 9.00
N ARG A 138 3.35 9.85 7.99
CA ARG A 138 2.40 8.91 7.48
C ARG A 138 1.86 8.02 8.59
N VAL A 139 2.75 7.52 9.45
CA VAL A 139 2.28 6.63 10.53
C VAL A 139 1.37 7.41 11.47
N ALA A 140 1.75 8.63 11.82
CA ALA A 140 0.87 9.36 12.74
C ALA A 140 -0.53 9.59 12.13
N GLU A 141 -0.62 9.73 10.79
CA GLU A 141 -1.92 9.87 10.16
C GLU A 141 -2.76 8.59 10.17
N MET A 142 -2.08 7.47 9.96
CA MET A 142 -2.70 6.14 10.04
C MET A 142 -3.15 5.85 11.48
N PHE A 143 -2.53 6.52 12.44
CA PHE A 143 -2.88 6.46 13.88
C PHE A 143 -3.94 7.52 14.30
N ALA A 144 -4.22 8.53 13.49
CA ALA A 144 -5.25 9.55 13.84
C ALA A 144 -6.65 8.95 14.02
N ILE A 145 -7.26 9.27 15.16
CA ILE A 145 -8.66 8.86 15.41
C ILE A 145 -9.55 9.68 14.49
N ARG A 146 -10.22 9.04 13.54
CA ARG A 146 -11.00 9.80 12.57
C ARG A 146 -12.43 9.35 12.60
N GLU A 147 -13.30 10.35 12.42
CA GLU A 147 -14.72 10.17 12.15
C GLU A 147 -15.08 8.98 11.23
N ASP A 148 -14.34 8.80 10.14
CA ASP A 148 -14.84 8.02 9.01
C ASP A 148 -14.14 6.71 8.74
N ARG A 149 -12.97 6.54 9.35
CA ARG A 149 -12.08 5.42 9.03
C ARG A 149 -11.28 5.00 10.25
N PRO A 150 -11.32 3.69 10.53
CA PRO A 150 -10.57 3.16 11.67
C PRO A 150 -9.07 3.40 11.49
N SER A 151 -8.37 3.64 12.58
CA SER A 151 -6.94 3.73 12.57
C SER A 151 -6.37 2.34 12.36
N LEU A 152 -5.05 2.30 12.16
CA LEU A 152 -4.30 1.09 11.95
C LEU A 152 -4.44 0.26 13.20
N LEU A 153 -4.39 0.90 14.36
CA LEU A 153 -4.49 0.18 15.64
C LEU A 153 -5.89 -0.34 15.87
N GLU A 154 -6.90 0.37 15.37
CA GLU A 154 -8.30 -0.06 15.52
C GLU A 154 -8.64 -1.26 14.59
N GLU A 155 -8.16 -1.20 13.34
CA GLU A 155 -8.15 -2.33 12.41
C GLU A 155 -7.46 -3.49 12.93
N LEU A 156 -6.25 -3.24 13.44
CA LEU A 156 -5.53 -4.33 14.06
C LEU A 156 -6.31 -4.98 15.20
N ALA A 157 -6.83 -4.20 16.15
CA ALA A 157 -7.57 -4.79 17.30
C ALA A 157 -8.84 -5.55 16.85
N GLU A 158 -9.57 -4.96 15.94
CA GLU A 158 -10.77 -5.58 15.33
C GLU A 158 -10.43 -7.02 14.87
N LEU A 159 -9.41 -7.14 14.03
CA LEU A 159 -9.10 -8.38 13.35
C LEU A 159 -8.43 -9.41 14.32
N TRP A 160 -7.84 -8.92 15.41
CA TRP A 160 -7.16 -9.82 16.38
C TRP A 160 -8.14 -10.78 17.01
N ASN A 161 -9.42 -10.55 16.77
CA ASN A 161 -10.46 -11.44 17.31
C ASN A 161 -10.51 -12.73 16.57
N TYR A 162 -10.24 -12.70 15.27
CA TYR A 162 -10.26 -13.87 14.45
C TYR A 162 -8.88 -14.49 14.49
N PRO A 163 -8.73 -15.62 15.23
CA PRO A 163 -7.43 -16.25 15.26
C PRO A 163 -6.86 -16.42 13.83
N ALA A 164 -7.67 -16.76 12.83
CA ALA A 164 -7.09 -16.87 11.47
C ALA A 164 -6.41 -15.62 10.87
N ALA A 165 -6.77 -14.40 11.34
CA ALA A 165 -6.18 -13.13 10.88
C ALA A 165 -4.79 -12.96 11.42
N ARG A 166 -4.56 -13.50 12.62
CA ARG A 166 -3.33 -13.32 13.37
C ARG A 166 -2.06 -13.70 12.61
N PRO A 167 -1.95 -14.93 12.08
CA PRO A 167 -0.71 -15.19 11.30
C PRO A 167 -0.55 -14.28 10.05
N ILE A 168 -1.66 -13.77 9.55
CA ILE A 168 -1.63 -13.04 8.26
C ILE A 168 -1.09 -11.67 8.59
N LEU A 169 -1.65 -11.05 9.64
CA LEU A 169 -1.21 -9.72 10.10
C LEU A 169 0.25 -9.71 10.51
N GLU A 170 0.71 -10.76 11.19
CA GLU A 170 2.16 -10.98 11.52
C GLU A 170 3.10 -10.92 10.27
N ASP A 171 2.54 -10.95 9.09
CA ASP A 171 3.30 -10.97 7.88
C ASP A 171 3.12 -9.71 7.09
N ILE A 172 2.42 -8.73 7.65
CA ILE A 172 2.17 -7.50 6.94
C ILE A 172 2.85 -6.35 7.66
N ASP A 173 3.44 -5.41 6.93
CA ASP A 173 4.25 -4.35 7.57
C ASP A 173 3.35 -3.35 8.28
N GLY A 174 3.85 -2.76 9.37
CA GLY A 174 3.06 -1.89 10.23
C GLY A 174 2.44 -2.77 11.28
N TYR A 175 1.58 -3.71 10.84
CA TYR A 175 0.86 -4.56 11.75
C TYR A 175 1.86 -5.45 12.48
N ARG A 176 2.83 -5.98 11.73
CA ARG A 176 3.93 -6.90 12.22
C ARG A 176 4.58 -6.18 13.37
N CYS A 177 5.01 -4.96 13.08
CA CYS A 177 5.65 -4.14 14.11
C CYS A 177 4.82 -3.92 15.34
N ALA A 178 3.60 -3.40 15.14
CA ALA A 178 2.65 -3.13 16.22
C ALA A 178 2.45 -4.39 17.05
N ILE A 179 2.37 -5.55 16.40
CA ILE A 179 2.21 -6.81 17.12
C ILE A 179 3.48 -7.21 17.93
N ARG A 180 4.64 -7.11 17.26
CA ARG A 180 5.94 -7.35 17.88
C ARG A 180 6.13 -6.42 19.08
N PHE A 181 5.64 -5.21 18.95
CA PHE A 181 5.79 -4.20 19.95
C PHE A 181 4.88 -4.49 21.16
N ALA A 182 3.63 -4.85 20.94
CA ALA A 182 2.76 -5.30 22.02
C ALA A 182 3.43 -6.42 22.83
N ARG A 183 3.96 -7.45 22.14
CA ARG A 183 4.58 -8.57 22.84
C ARG A 183 5.79 -8.09 23.60
N LYS A 184 6.57 -7.18 23.01
CA LYS A 184 7.76 -6.62 23.69
C LYS A 184 7.40 -5.98 25.03
N HIS A 185 6.28 -5.27 25.11
CA HIS A 185 6.00 -4.49 26.30
C HIS A 185 4.89 -5.11 27.12
N ASP A 186 4.56 -6.37 26.82
CA ASP A 186 3.58 -7.17 27.60
C ASP A 186 2.18 -6.50 27.62
N LEU A 187 1.82 -5.95 26.44
CA LEU A 187 0.56 -5.28 26.20
C LEU A 187 -0.40 -6.17 25.41
N ALA A 188 -1.69 -6.09 25.73
CA ALA A 188 -2.61 -6.83 24.89
C ALA A 188 -2.84 -5.99 23.66
N ILE A 189 -3.01 -6.68 22.54
CA ILE A 189 -3.29 -6.00 21.27
C ILE A 189 -4.48 -5.02 21.32
N SER A 190 -5.49 -5.44 22.08
CA SER A 190 -6.65 -4.60 22.35
C SER A 190 -6.26 -3.27 22.98
N GLN A 191 -5.21 -3.22 23.77
CA GLN A 191 -4.83 -1.99 24.53
C GLN A 191 -3.90 -1.08 23.79
N LEU A 192 -3.57 -1.44 22.56
CA LEU A 192 -2.63 -0.65 21.77
C LEU A 192 -3.16 0.70 21.44
N PRO A 193 -4.46 0.81 21.16
CA PRO A 193 -5.02 2.17 20.99
C PRO A 193 -4.86 3.14 22.21
N ASN A 194 -4.93 2.68 23.46
CA ASN A 194 -4.83 3.57 24.65
C ASN A 194 -3.41 3.76 25.14
N ILE A 195 -2.47 3.16 24.43
CA ILE A 195 -1.04 3.39 24.62
C ILE A 195 -0.72 4.83 25.05
N ASP A 196 0.02 4.98 26.15
CA ASP A 196 0.17 6.28 26.82
C ASP A 196 0.91 7.32 25.95
N ALA A 197 1.33 8.44 26.55
CA ALA A 197 1.94 9.56 25.78
C ALA A 197 3.11 9.18 24.83
N GLY A 198 4.30 8.87 25.40
CA GLY A 198 5.53 8.54 24.65
C GLY A 198 5.71 7.09 24.19
N ARG A 199 4.89 6.20 24.75
CA ARG A 199 4.84 4.81 24.34
C ARG A 199 4.40 4.86 22.87
N HIS A 200 3.37 5.69 22.62
CA HIS A 200 2.89 6.06 21.27
C HIS A 200 4.01 6.56 20.32
N VAL A 201 4.99 7.28 20.87
CA VAL A 201 6.11 7.81 20.10
C VAL A 201 7.06 6.71 19.69
N GLU A 202 7.40 5.80 20.62
CA GLU A 202 8.28 4.66 20.26
C GLU A 202 7.70 3.74 19.20
N LEU A 203 6.37 3.64 19.11
CA LEU A 203 5.71 2.74 18.16
C LEU A 203 5.67 3.33 16.78
N ILE A 204 5.33 4.63 16.69
CA ILE A 204 5.47 5.36 15.42
C ILE A 204 6.91 5.23 14.91
N GLU A 205 7.88 5.50 15.76
CA GLU A 205 9.28 5.32 15.40
C GLU A 205 9.64 3.91 14.91
N ALA A 206 9.24 2.89 15.65
CA ALA A 206 9.45 1.53 15.25
C ALA A 206 8.77 1.20 13.90
N ILE A 207 7.48 1.50 13.71
CA ILE A 207 6.84 1.25 12.40
C ILE A 207 7.56 1.99 11.26
N ALA A 208 7.89 3.25 11.47
CA ALA A 208 8.63 4.02 10.45
C ALA A 208 9.95 3.32 10.06
N ASN A 209 10.64 2.74 11.06
CA ASN A 209 11.87 1.97 10.83
C ASN A 209 11.59 0.68 10.06
N GLU A 210 10.47 0.01 10.36
CA GLU A 210 10.07 -1.15 9.58
C GLU A 210 9.71 -0.74 8.14
N TYR A 211 9.14 0.44 7.95
CA TYR A 211 8.90 0.94 6.56
C TYR A 211 10.20 1.13 5.81
N LEU A 212 11.20 1.62 6.53
CA LEU A 212 12.56 1.75 5.98
C LEU A 212 13.16 0.45 5.49
N GLU A 213 13.19 -0.62 6.34
CA GLU A 213 13.60 -2.00 5.92
C GLU A 213 12.82 -2.33 4.68
N HIS A 214 11.51 -2.11 4.70
CA HIS A 214 10.73 -2.43 3.55
C HIS A 214 11.13 -1.68 2.28
N ALA A 215 11.24 -0.37 2.35
CA ALA A 215 11.63 0.43 1.17
C ALA A 215 13.06 0.04 0.64
N LEU A 216 13.95 -0.36 1.56
CA LEU A 216 15.29 -0.76 1.15
C LEU A 216 15.20 -2.04 0.43
N SER A 217 14.19 -2.86 0.75
CA SER A 217 14.21 -4.15 0.12
C SER A 217 13.37 -4.05 -1.15
N GLN A 218 12.57 -3.00 -1.24
CA GLN A 218 11.90 -2.68 -2.50
C GLN A 218 12.94 -2.18 -3.51
N GLU A 219 13.88 -1.34 -3.08
CA GLU A 219 14.98 -0.88 -4.00
C GLU A 219 15.83 -2.05 -4.51
N ARG A 220 16.07 -3.01 -3.61
CA ARG A 220 16.75 -4.26 -3.91
C ARG A 220 16.03 -5.15 -4.94
N ASP A 221 14.72 -5.40 -4.75
CA ASP A 221 13.99 -6.42 -5.52
C ASP A 221 13.11 -5.93 -6.68
N PHE A 222 12.77 -4.64 -6.74
CA PHE A 222 12.06 -4.05 -7.93
C PHE A 222 12.64 -4.48 -9.29
N PRO A 223 11.79 -4.56 -10.36
CA PRO A 223 12.38 -4.80 -11.67
C PRO A 223 13.04 -3.50 -12.11
N GLN A 224 14.03 -3.56 -12.99
CA GLN A 224 14.38 -2.31 -13.60
C GLN A 224 13.45 -2.24 -14.82
N TRP A 225 12.53 -1.27 -14.85
CA TRP A 225 11.59 -1.21 -16.00
C TRP A 225 12.22 -0.56 -17.25
N PRO A 226 12.06 -1.19 -18.46
CA PRO A 226 12.57 -0.75 -19.81
C PRO A 226 13.00 0.72 -20.06
ZN ZN B . -0.09 4.66 -2.20
ZN ZN C . 8.39 -5.62 4.12
O4 DST D . 2.83 7.15 -0.60
P1 DST D . 2.98 6.05 -1.58
O6 DST D . 1.81 6.07 -2.51
O5 DST D . 4.32 5.80 -2.21
O2 DST D . 2.75 4.89 -0.50
P3 DST D . 2.43 3.31 -0.52
O8 DST D . 0.92 3.06 -0.56
O7 DST D . 3.33 2.47 -1.44
S9 DST D . 2.51 2.74 1.42
C10 DST D . 1.95 1.09 1.65
C11 DST D . 3.09 0.12 2.00
C12 DST D . 3.53 0.03 3.25
C13 DST D . 4.65 -0.94 3.60
C14 DST D . 2.89 0.87 4.32
P AMP E . 4.69 -7.38 -2.27
O1P AMP E . 5.46 -6.13 -1.92
O2P AMP E . 5.41 -8.15 -3.35
O3P AMP E . 3.25 -7.28 -2.65
O5' AMP E . 5.00 -8.34 -1.05
C5' AMP E . 4.26 -8.22 0.10
C4' AMP E . 5.08 -8.12 1.37
O4' AMP E . 5.42 -6.75 1.57
C3' AMP E . 3.77 -8.19 2.15
O3' AMP E . 3.76 -9.47 2.67
C2' AMP E . 3.72 -7.16 3.25
O2' AMP E . 4.46 -7.80 4.32
C1' AMP E . 4.55 -6.13 2.56
N9 AMP E . 3.60 -5.19 1.90
C8 AMP E . 3.40 -5.03 0.58
N7 AMP E . 2.48 -4.09 0.29
C5 AMP E . 2.09 -3.57 1.48
C6 AMP E . 1.10 -2.58 1.95
N6 AMP E . 0.35 -1.80 1.13
N1 AMP E . 0.99 -2.43 3.29
C2 AMP E . 1.66 -3.10 4.25
N3 AMP E . 2.57 -4.06 3.90
C4 AMP E . 2.80 -4.32 2.55
#